data_6AR2
#
_entry.id   6AR2
#
_cell.length_a   38.758
_cell.length_b   70.534
_cell.length_c   91.015
_cell.angle_alpha   90.00
_cell.angle_beta   90.00
_cell.angle_gamma   90.00
#
_symmetry.space_group_name_H-M   'P 21 21 21'
#
loop_
_entity.id
_entity.type
_entity.pdbx_description
1 polymer 'Sarcolemmal membrane-associated protein'
2 polymer ASP-GLY-TPO-MET-LYS-ARG
3 water water
#
loop_
_entity_poly.entity_id
_entity_poly.type
_entity_poly.pdbx_seq_one_letter_code
_entity_poly.pdbx_strand_id
1 'polypeptide(L)'
;MPSALAIFTCRPNSHPFQERHVYLDEPIKIGRSVARCRPAQNNATFDCKVLSRNHALVWFDHKTGKFYLQDTKSSNGTFI
NSQRLSRGSEESPPCEILSGDIIQFGVDVTENTRKVTHGCIVSTIKLFLPDGMEARLRSD
;
A,B
2 'polypeptide(L)' EEEDG(TPO)MKRN C,D
#
# COMPACT_ATOMS: atom_id res chain seq x y z
N PRO A 2 10.55 6.79 -25.03
CA PRO A 2 9.92 5.49 -24.75
C PRO A 2 10.12 5.04 -23.30
N SER A 3 9.29 4.13 -22.84
CA SER A 3 9.33 3.71 -21.45
C SER A 3 10.17 2.46 -21.29
N ALA A 4 10.82 2.34 -20.14
CA ALA A 4 11.39 1.06 -19.73
C ALA A 4 10.29 0.02 -19.60
N LEU A 5 10.65 -1.25 -19.78
CA LEU A 5 9.68 -2.33 -19.87
C LEU A 5 10.14 -3.51 -19.03
N ALA A 6 9.22 -4.06 -18.24
CA ALA A 6 9.44 -5.30 -17.50
C ALA A 6 8.47 -6.35 -18.03
N ILE A 7 8.99 -7.54 -18.35
CA ILE A 7 8.16 -8.68 -18.76
C ILE A 7 8.28 -9.74 -17.68
N PHE A 8 7.14 -10.13 -17.09
CA PHE A 8 7.08 -11.19 -16.08
C PHE A 8 6.60 -12.46 -16.75
N THR A 9 7.41 -13.52 -16.71
CA THR A 9 6.98 -14.80 -17.24
C THR A 9 6.95 -15.86 -16.13
N CYS A 10 5.97 -16.75 -16.22
CA CYS A 10 5.69 -17.69 -15.15
C CYS A 10 6.64 -18.89 -15.17
N ARG A 11 7.17 -19.25 -14.01
CA ARG A 11 8.09 -20.38 -13.89
C ARG A 11 7.38 -21.63 -13.41
N PRO A 12 8.01 -22.80 -13.57
CA PRO A 12 7.25 -24.04 -13.34
C PRO A 12 6.76 -24.23 -11.92
N ASN A 13 7.44 -23.68 -10.92
CA ASN A 13 7.03 -23.87 -9.54
C ASN A 13 6.14 -22.72 -9.06
N SER A 14 5.54 -21.98 -9.98
CA SER A 14 4.70 -20.84 -9.66
C SER A 14 3.23 -21.23 -9.70
N HIS A 15 2.44 -20.53 -8.88
CA HIS A 15 1.02 -20.41 -9.17
C HIS A 15 0.88 -19.86 -10.58
N PRO A 16 0.06 -20.47 -11.44
CA PRO A 16 0.07 -20.06 -12.86
C PRO A 16 -0.41 -18.64 -13.04
N PHE A 17 0.24 -17.93 -13.96
CA PHE A 17 -0.22 -16.63 -14.41
C PHE A 17 0.22 -16.41 -15.85
N GLN A 18 -0.53 -15.55 -16.54
CA GLN A 18 -0.24 -15.21 -17.93
C GLN A 18 0.79 -14.08 -18.02
N GLU A 19 1.65 -14.18 -19.03
CA GLU A 19 2.80 -13.29 -19.15
C GLU A 19 2.35 -11.83 -19.08
N ARG A 20 3.12 -11.02 -18.33
CA ARG A 20 2.78 -9.63 -18.11
C ARG A 20 3.79 -8.73 -18.82
N HIS A 21 3.28 -7.72 -19.52
CA HIS A 21 4.11 -6.68 -20.13
C HIS A 21 3.82 -5.37 -19.42
N VAL A 22 4.74 -4.94 -18.56
CA VAL A 22 4.49 -3.85 -17.63
C VAL A 22 5.43 -2.71 -17.97
N TYR A 23 4.86 -1.62 -18.46
CA TYR A 23 5.66 -0.46 -18.75
C TYR A 23 5.91 0.33 -17.46
N LEU A 24 7.15 0.81 -17.30
CA LEU A 24 7.58 1.43 -16.06
C LEU A 24 7.74 2.94 -16.24
N ASP A 25 6.75 3.58 -16.86
CA ASP A 25 6.72 5.03 -16.90
C ASP A 25 6.67 5.61 -15.48
N GLU A 26 5.93 4.96 -14.60
CA GLU A 26 5.94 5.27 -13.19
C GLU A 26 6.14 3.97 -12.42
N PRO A 27 6.45 4.04 -11.14
CA PRO A 27 6.63 2.81 -10.37
C PRO A 27 5.32 2.03 -10.36
N ILE A 28 5.46 0.71 -10.40
CA ILE A 28 4.32 -0.20 -10.50
C ILE A 28 4.20 -1.00 -9.23
N LYS A 29 2.97 -1.05 -8.71
CA LYS A 29 2.65 -1.84 -7.54
C LYS A 29 2.47 -3.30 -7.91
N ILE A 30 3.20 -4.15 -7.24
CA ILE A 30 2.98 -5.58 -7.28
C ILE A 30 2.10 -5.95 -6.09
N GLY A 31 0.99 -6.64 -6.35
CA GLY A 31 0.15 -7.01 -5.23
C GLY A 31 -1.01 -7.87 -5.63
N ARG A 32 -1.79 -8.22 -4.63
CA ARG A 32 -2.88 -9.17 -4.80
C ARG A 32 -4.10 -8.48 -5.41
N SER A 33 -4.80 -9.24 -6.25
CA SER A 33 -6.07 -8.83 -6.84
C SER A 33 -7.14 -8.56 -5.77
N VAL A 34 -7.86 -7.45 -5.96
CA VAL A 34 -9.04 -7.08 -5.18
C VAL A 34 -9.94 -6.29 -6.12
N ALA A 35 -11.24 -6.29 -5.82
CA ALA A 35 -12.20 -5.73 -6.76
C ALA A 35 -11.76 -4.38 -7.33
N ARG A 36 -10.96 -3.61 -6.58
CA ARG A 36 -10.48 -2.32 -7.08
C ARG A 36 -9.33 -2.46 -8.07
N CYS A 37 -8.56 -3.53 -7.99
CA CYS A 37 -7.50 -3.79 -8.97
C CYS A 37 -7.54 -5.27 -9.33
N ARG A 38 -7.78 -5.58 -10.61
CA ARG A 38 -7.77 -6.96 -11.04
C ARG A 38 -6.56 -7.24 -11.90
N PRO A 39 -6.16 -8.51 -12.04
CA PRO A 39 -5.05 -8.84 -12.92
C PRO A 39 -5.34 -8.39 -14.34
N ALA A 40 -4.30 -7.89 -15.01
CA ALA A 40 -4.35 -7.62 -16.43
C ALA A 40 -3.01 -7.97 -17.07
N GLN A 41 -3.04 -8.20 -18.37
CA GLN A 41 -1.83 -8.53 -19.09
C GLN A 41 -0.77 -7.45 -18.96
N ASN A 42 -1.17 -6.21 -18.67
CA ASN A 42 -0.21 -5.11 -18.61
C ASN A 42 -0.07 -4.56 -17.21
N ASN A 43 -0.38 -5.37 -16.19
CA ASN A 43 -0.07 -4.97 -14.82
C ASN A 43 0.57 -6.12 -14.05
N ALA A 44 0.96 -5.84 -12.80
CA ALA A 44 1.61 -6.83 -11.94
C ALA A 44 0.74 -7.11 -10.72
N THR A 45 -0.57 -7.22 -10.98
CA THR A 45 -1.54 -7.61 -9.98
C THR A 45 -1.90 -9.06 -10.22
N PHE A 46 -1.90 -9.86 -9.16
CA PHE A 46 -2.03 -11.30 -9.29
C PHE A 46 -3.14 -11.83 -8.40
N ASP A 47 -3.93 -12.76 -8.94
CA ASP A 47 -4.95 -13.46 -8.16
C ASP A 47 -4.26 -14.62 -7.45
N CYS A 48 -3.59 -14.28 -6.35
CA CYS A 48 -2.74 -15.19 -5.61
C CYS A 48 -2.85 -14.81 -4.14
N LYS A 49 -3.38 -15.72 -3.31
CA LYS A 49 -3.80 -15.33 -1.96
C LYS A 49 -2.64 -15.04 -1.03
N VAL A 50 -1.43 -15.54 -1.31
CA VAL A 50 -0.31 -15.33 -0.42
C VAL A 50 0.44 -14.05 -0.73
N LEU A 51 0.02 -13.30 -1.74
CA LEU A 51 0.58 -11.98 -2.04
C LEU A 51 -0.13 -10.94 -1.20
N SER A 52 0.64 -9.97 -0.72
CA SER A 52 0.06 -8.87 0.02
C SER A 52 -0.65 -7.91 -0.92
N ARG A 53 -1.60 -7.16 -0.37
CA ARG A 53 -2.27 -6.13 -1.17
C ARG A 53 -1.25 -5.16 -1.75
N ASN A 54 -0.36 -4.65 -0.89
CA ASN A 54 0.73 -3.78 -1.30
C ASN A 54 2.02 -4.55 -1.06
N HIS A 55 2.39 -5.39 -2.00
CA HIS A 55 3.47 -6.35 -1.78
C HIS A 55 4.86 -5.77 -2.07
N ALA A 56 5.00 -5.11 -3.21
CA ALA A 56 6.30 -4.60 -3.62
C ALA A 56 6.08 -3.50 -4.66
N LEU A 57 7.17 -2.80 -4.99
CA LEU A 57 7.22 -1.77 -6.02
C LEU A 57 8.34 -2.14 -6.98
N VAL A 58 8.12 -1.92 -8.28
CA VAL A 58 9.15 -2.11 -9.27
C VAL A 58 9.23 -0.85 -10.11
N TRP A 59 10.46 -0.38 -10.38
CA TRP A 59 10.60 0.86 -11.15
C TRP A 59 11.97 0.92 -11.81
N PHE A 60 12.09 1.88 -12.72
CA PHE A 60 13.33 2.18 -13.41
C PHE A 60 13.84 3.53 -12.96
N ASP A 61 15.12 3.60 -12.61
CA ASP A 61 15.76 4.81 -12.12
C ASP A 61 16.64 5.39 -13.23
N HIS A 62 16.24 6.54 -13.75
CA HIS A 62 16.96 7.15 -14.86
C HIS A 62 18.37 7.57 -14.48
N LYS A 63 18.58 7.98 -13.23
CA LYS A 63 19.91 8.44 -12.84
C LYS A 63 20.94 7.31 -12.88
N THR A 64 20.59 6.16 -12.30
CA THR A 64 21.53 5.03 -12.26
C THR A 64 21.44 4.15 -13.48
N GLY A 65 20.35 4.24 -14.23
CA GLY A 65 20.11 3.33 -15.32
C GLY A 65 19.78 1.91 -14.88
N LYS A 66 19.36 1.75 -13.64
CA LYS A 66 19.09 0.44 -13.07
C LYS A 66 17.61 0.28 -12.74
N PHE A 67 17.19 -0.98 -12.71
CA PHE A 67 15.85 -1.37 -12.28
C PHE A 67 15.89 -1.83 -10.82
N TYR A 68 14.84 -1.49 -10.08
CA TYR A 68 14.79 -1.81 -8.66
C TYR A 68 13.46 -2.47 -8.29
N LEU A 69 13.55 -3.35 -7.30
CA LEU A 69 12.43 -3.98 -6.64
C LEU A 69 12.51 -3.63 -5.16
N GLN A 70 11.38 -3.32 -4.56
CA GLN A 70 11.37 -2.99 -3.13
C GLN A 70 10.18 -3.69 -2.50
N ASP A 71 10.44 -4.43 -1.41
CA ASP A 71 9.37 -5.04 -0.64
C ASP A 71 8.75 -3.99 0.28
N THR A 72 7.43 -3.83 0.21
CA THR A 72 6.74 -2.80 0.98
C THR A 72 5.94 -3.42 2.13
N LYS A 73 6.66 -4.05 3.06
CA LYS A 73 6.10 -4.65 4.27
C LYS A 73 5.17 -5.82 3.95
N SER A 74 5.58 -6.64 3.01
CA SER A 74 4.78 -7.82 2.70
C SER A 74 4.76 -8.78 3.88
N SER A 75 3.68 -9.55 3.95
CA SER A 75 3.55 -10.54 5.00
C SER A 75 4.47 -11.74 4.80
N ASN A 76 4.58 -12.23 3.57
CA ASN A 76 5.23 -13.50 3.27
C ASN A 76 6.55 -13.39 2.53
N GLY A 77 6.97 -12.19 2.12
CA GLY A 77 8.32 -12.03 1.61
C GLY A 77 8.37 -11.83 0.11
N THR A 78 9.49 -11.26 -0.32
CA THR A 78 9.90 -11.07 -1.70
C THR A 78 11.34 -11.55 -1.84
N PHE A 79 11.65 -12.17 -2.98
CA PHE A 79 12.95 -12.78 -3.14
C PHE A 79 13.51 -12.49 -4.55
N ILE A 80 14.80 -12.21 -4.61
CA ILE A 80 15.55 -12.11 -5.85
C ILE A 80 16.59 -13.21 -5.86
N ASN A 81 16.49 -14.12 -6.84
CA ASN A 81 17.44 -15.22 -6.95
C ASN A 81 17.60 -15.93 -5.61
N SER A 82 16.47 -16.17 -4.96
CA SER A 82 16.33 -16.94 -3.73
C SER A 82 16.69 -16.13 -2.48
N GLN A 83 17.10 -14.87 -2.60
CA GLN A 83 17.51 -14.09 -1.44
C GLN A 83 16.37 -13.16 -1.04
N ARG A 84 15.95 -13.26 0.22
CA ARG A 84 14.80 -12.47 0.70
C ARG A 84 15.20 -11.01 0.87
N LEU A 85 14.30 -10.09 0.50
CA LEU A 85 14.62 -8.67 0.55
C LEU A 85 14.45 -8.07 1.96
N SER A 86 13.40 -8.48 2.68
CA SER A 86 13.15 -7.94 4.01
C SER A 86 12.40 -8.97 4.84
N ARG A 87 12.46 -8.79 6.16
CA ARG A 87 11.68 -9.59 7.08
C ARG A 87 10.21 -9.29 6.91
N GLY A 88 9.38 -10.20 7.41
CA GLY A 88 7.94 -9.99 7.38
C GLY A 88 7.57 -8.65 7.95
N SER A 89 6.71 -7.93 7.23
CA SER A 89 6.17 -6.64 7.65
C SER A 89 7.23 -5.56 7.76
N GLU A 90 8.39 -5.73 7.11
CA GLU A 90 9.43 -4.72 7.05
C GLU A 90 9.64 -4.30 5.61
N GLU A 91 10.07 -3.05 5.43
CA GLU A 91 10.37 -2.56 4.10
C GLU A 91 11.83 -2.80 3.76
N SER A 92 12.08 -3.18 2.56
CA SER A 92 13.45 -3.34 2.11
C SER A 92 13.95 -2.04 1.52
N PRO A 93 15.26 -1.88 1.41
CA PRO A 93 15.80 -0.86 0.51
C PRO A 93 15.47 -1.21 -0.93
N PRO A 94 15.70 -0.30 -1.86
CA PRO A 94 15.65 -0.69 -3.27
C PRO A 94 16.75 -1.70 -3.58
N CYS A 95 16.37 -2.77 -4.26
CA CYS A 95 17.27 -3.87 -4.59
C CYS A 95 17.31 -4.02 -6.10
N GLU A 96 18.51 -3.96 -6.66
CA GLU A 96 18.62 -3.99 -8.12
C GLU A 96 18.20 -5.33 -8.70
N ILE A 97 17.46 -5.27 -9.81
CA ILE A 97 17.13 -6.47 -10.57
C ILE A 97 17.69 -6.31 -11.97
N LEU A 98 18.04 -7.44 -12.58
CA LEU A 98 18.59 -7.51 -13.92
C LEU A 98 17.78 -8.51 -14.72
N SER A 99 17.83 -8.35 -16.05
CA SER A 99 17.09 -9.25 -16.92
C SER A 99 17.56 -10.68 -16.70
N GLY A 100 16.60 -11.61 -16.56
CA GLY A 100 16.93 -12.98 -16.27
C GLY A 100 16.77 -13.36 -14.82
N ASP A 101 16.66 -12.38 -13.93
CA ASP A 101 16.52 -12.69 -12.52
C ASP A 101 15.24 -13.47 -12.28
N ILE A 102 15.29 -14.32 -11.25
CA ILE A 102 14.13 -15.06 -10.76
C ILE A 102 13.58 -14.32 -9.54
N ILE A 103 12.37 -13.81 -9.67
CA ILE A 103 11.71 -13.02 -8.63
C ILE A 103 10.55 -13.82 -8.06
N GLN A 104 10.46 -13.88 -6.75
CA GLN A 104 9.41 -14.60 -6.08
C GLN A 104 8.66 -13.65 -5.17
N PHE A 105 7.33 -13.71 -5.24
CA PHE A 105 6.47 -12.96 -4.34
C PHE A 105 5.67 -13.94 -3.50
N GLY A 106 5.83 -13.86 -2.18
CA GLY A 106 5.18 -14.78 -1.29
C GLY A 106 5.96 -16.08 -1.14
N VAL A 107 5.35 -16.99 -0.39
CA VAL A 107 5.79 -18.36 -0.24
C VAL A 107 4.55 -19.23 -0.29
N ASP A 108 4.76 -20.54 -0.49
CA ASP A 108 3.62 -21.46 -0.45
C ASP A 108 3.02 -21.46 0.96
N VAL A 109 1.69 -21.48 1.04
CA VAL A 109 0.99 -21.54 2.33
C VAL A 109 -0.08 -22.61 2.26
N THR A 110 -0.08 -23.52 3.22
CA THR A 110 -1.13 -24.52 3.37
C THR A 110 -2.21 -23.98 4.31
N GLU A 111 -3.43 -23.85 3.78
CA GLU A 111 -4.59 -23.50 4.59
C GLU A 111 -4.97 -24.73 5.42
N ASN A 112 -4.82 -24.64 6.74
CA ASN A 112 -4.87 -25.85 7.55
C ASN A 112 -6.28 -26.43 7.64
N THR A 113 -7.32 -25.60 7.71
CA THR A 113 -8.66 -26.14 7.90
C THR A 113 -9.21 -26.76 6.63
N ARG A 114 -8.79 -26.27 5.46
CA ARG A 114 -9.22 -26.83 4.20
C ARG A 114 -8.15 -27.69 3.54
N LYS A 115 -6.95 -27.74 4.12
CA LYS A 115 -5.86 -28.59 3.64
C LYS A 115 -5.64 -28.40 2.15
N VAL A 116 -5.60 -27.14 1.73
CA VAL A 116 -5.26 -26.75 0.37
C VAL A 116 -4.02 -25.88 0.43
N THR A 117 -3.03 -26.20 -0.42
CA THR A 117 -1.80 -25.42 -0.48
C THR A 117 -1.92 -24.38 -1.58
N HIS A 118 -1.69 -23.11 -1.22
CA HIS A 118 -1.73 -22.02 -2.17
C HIS A 118 -0.29 -21.67 -2.55
N GLY A 119 0.01 -21.75 -3.85
CA GLY A 119 1.34 -21.45 -4.31
C GLY A 119 1.58 -19.95 -4.40
N CYS A 120 2.88 -19.60 -4.45
CA CYS A 120 3.30 -18.21 -4.60
C CYS A 120 3.59 -17.92 -6.06
N ILE A 121 3.94 -16.66 -6.33
CA ILE A 121 4.29 -16.22 -7.66
C ILE A 121 5.80 -16.32 -7.82
N VAL A 122 6.24 -17.07 -8.83
CA VAL A 122 7.65 -17.22 -9.15
C VAL A 122 7.81 -16.89 -10.62
N SER A 123 8.63 -15.89 -10.92
CA SER A 123 8.68 -15.29 -12.24
C SER A 123 10.13 -15.13 -12.70
N THR A 124 10.37 -15.36 -13.98
CA THR A 124 11.57 -14.85 -14.64
C THR A 124 11.20 -13.47 -15.15
N ILE A 125 12.06 -12.48 -14.93
CA ILE A 125 11.76 -11.13 -15.35
C ILE A 125 12.74 -10.77 -16.44
N LYS A 126 12.24 -10.17 -17.51
CA LYS A 126 13.07 -9.60 -18.54
C LYS A 126 12.90 -8.10 -18.49
N LEU A 127 14.00 -7.38 -18.64
CA LEU A 127 14.00 -5.93 -18.43
C LEU A 127 14.65 -5.23 -19.60
N PHE A 128 13.99 -4.18 -20.09
CA PHE A 128 14.47 -3.40 -21.22
C PHE A 128 14.54 -1.92 -20.87
N LEU A 129 15.70 -1.34 -21.11
CA LEU A 129 15.90 0.09 -20.98
C LEU A 129 14.96 0.84 -21.91
N PRO A 130 14.72 2.12 -21.64
CA PRO A 130 13.95 2.93 -22.59
C PRO A 130 14.45 2.85 -24.02
N ASP A 131 15.76 2.72 -24.25
CA ASP A 131 16.28 2.63 -25.61
C ASP A 131 16.12 1.23 -26.21
N GLY A 132 15.49 0.29 -25.50
CA GLY A 132 15.21 -1.02 -26.02
C GLY A 132 16.23 -2.08 -25.63
N MET A 133 17.43 -1.67 -25.24
CA MET A 133 18.46 -2.62 -24.90
C MET A 133 18.08 -3.41 -23.65
N GLU A 134 18.35 -4.71 -23.68
CA GLU A 134 18.07 -5.56 -22.54
C GLU A 134 19.05 -5.27 -21.40
N ALA A 135 18.53 -5.23 -20.18
CA ALA A 135 19.35 -4.86 -19.03
C ALA A 135 20.16 -6.03 -18.51
N PRO B 2 -27.23 4.92 -3.25
CA PRO B 2 -26.64 6.07 -2.52
C PRO B 2 -25.45 5.68 -1.66
N SER B 3 -24.55 6.63 -1.46
CA SER B 3 -23.22 6.34 -0.97
C SER B 3 -22.99 6.96 0.40
N ALA B 4 -22.32 6.19 1.24
CA ALA B 4 -21.87 6.73 2.50
C ALA B 4 -20.77 7.76 2.22
N LEU B 5 -20.64 8.73 3.12
CA LEU B 5 -19.73 9.85 2.90
C LEU B 5 -18.96 10.20 4.17
N ALA B 6 -17.67 10.48 4.01
CA ALA B 6 -16.84 11.00 5.07
C ALA B 6 -16.32 12.38 4.70
N ILE B 7 -16.35 13.29 5.67
CA ILE B 7 -15.78 14.61 5.52
C ILE B 7 -14.65 14.73 6.53
N PHE B 8 -13.43 14.97 6.02
CA PHE B 8 -12.25 15.15 6.85
C PHE B 8 -11.99 16.65 6.96
N THR B 9 -12.18 17.20 8.16
CA THR B 9 -11.90 18.59 8.42
C THR B 9 -10.57 18.71 9.17
N CYS B 10 -9.82 19.75 8.83
CA CYS B 10 -8.51 19.99 9.39
C CYS B 10 -8.65 20.65 10.76
N ARG B 11 -8.11 20.00 11.79
CA ARG B 11 -8.15 20.54 13.14
C ARG B 11 -7.05 21.57 13.29
N PRO B 12 -7.21 22.55 14.19
CA PRO B 12 -6.23 23.64 14.24
C PRO B 12 -4.80 23.21 14.57
N ASN B 13 -4.59 22.08 15.25
CA ASN B 13 -3.24 21.63 15.55
C ASN B 13 -2.67 20.71 14.49
N SER B 14 -3.34 20.57 13.34
CA SER B 14 -2.91 19.66 12.30
C SER B 14 -1.89 20.32 11.38
N HIS B 15 -1.02 19.51 10.80
CA HIS B 15 -0.38 19.91 9.57
C HIS B 15 -1.49 20.31 8.59
N PRO B 16 -1.37 21.45 7.90
CA PRO B 16 -2.53 21.96 7.14
C PRO B 16 -2.91 21.08 5.97
N PHE B 17 -4.23 20.93 5.78
CA PHE B 17 -4.75 20.33 4.56
C PHE B 17 -6.14 20.90 4.29
N GLN B 18 -6.60 20.79 3.05
CA GLN B 18 -7.91 21.26 2.65
C GLN B 18 -8.96 20.20 2.93
N GLU B 19 -10.14 20.65 3.35
CA GLU B 19 -11.22 19.75 3.73
C GLU B 19 -11.50 18.74 2.62
N ARG B 20 -11.65 17.46 3.00
CA ARG B 20 -11.85 16.38 2.05
C ARG B 20 -13.27 15.86 2.17
N HIS B 21 -13.90 15.65 1.02
CA HIS B 21 -15.21 15.00 0.96
C HIS B 21 -15.02 13.71 0.19
N VAL B 22 -15.13 12.59 0.90
CA VAL B 22 -14.73 11.28 0.39
C VAL B 22 -15.91 10.30 0.49
N TYR B 23 -16.45 9.90 -0.66
CA TYR B 23 -17.43 8.82 -0.65
C TYR B 23 -16.77 7.48 -0.35
N LEU B 24 -17.49 6.64 0.42
CA LEU B 24 -16.92 5.41 0.96
C LEU B 24 -17.71 4.16 0.58
N ASP B 25 -18.27 4.13 -0.64
CA ASP B 25 -18.81 2.88 -1.15
C ASP B 25 -17.73 1.82 -1.20
N GLU B 26 -16.57 2.23 -1.63
CA GLU B 26 -15.38 1.45 -1.76
C GLU B 26 -14.35 1.91 -0.73
N PRO B 27 -13.51 1.04 -0.22
CA PRO B 27 -12.49 1.48 0.72
C PRO B 27 -11.56 2.50 0.07
N ILE B 28 -11.16 3.47 0.85
CA ILE B 28 -10.26 4.53 0.41
C ILE B 28 -8.96 4.40 1.17
N LYS B 29 -7.87 4.50 0.44
CA LYS B 29 -6.54 4.49 1.03
C LYS B 29 -6.19 5.86 1.58
N ILE B 30 -5.75 5.87 2.83
CA ILE B 30 -5.16 7.04 3.45
C ILE B 30 -3.66 6.90 3.32
N GLY B 31 -3.00 7.91 2.82
CA GLY B 31 -1.56 7.78 2.68
C GLY B 31 -0.93 9.05 2.19
N ARG B 32 0.38 9.01 2.16
CA ARG B 32 1.18 10.16 1.78
C ARG B 32 1.14 10.40 0.28
N SER B 33 1.16 11.69 -0.09
CA SER B 33 1.32 12.06 -1.48
C SER B 33 2.66 11.58 -2.00
N VAL B 34 2.66 10.83 -3.09
CA VAL B 34 3.90 10.30 -3.65
C VAL B 34 3.92 10.67 -5.12
N ALA B 35 4.76 11.65 -5.46
CA ALA B 35 4.90 12.13 -6.82
C ALA B 35 3.54 12.39 -7.47
N ARG B 36 3.11 11.50 -8.37
CA ARG B 36 1.93 11.75 -9.19
C ARG B 36 0.61 11.37 -8.50
N CYS B 37 0.64 10.72 -7.33
CA CYS B 37 -0.57 10.51 -6.54
C CYS B 37 -0.74 11.73 -5.65
N ARG B 38 -1.71 12.55 -5.97
CA ARG B 38 -1.71 13.88 -5.43
C ARG B 38 -2.88 14.07 -4.48
N PRO B 39 -2.72 14.94 -3.48
CA PRO B 39 -3.87 15.34 -2.68
C PRO B 39 -4.93 16.02 -3.54
N ALA B 40 -6.18 15.71 -3.23
CA ALA B 40 -7.29 16.42 -3.85
C ALA B 40 -8.45 16.38 -2.87
N GLN B 41 -9.42 17.25 -3.11
CA GLN B 41 -10.53 17.33 -2.18
C GLN B 41 -11.39 16.08 -2.18
N ASN B 42 -11.24 15.22 -3.20
CA ASN B 42 -12.01 14.00 -3.26
C ASN B 42 -11.25 12.76 -2.79
N ASN B 43 -10.12 12.90 -2.11
CA ASN B 43 -9.38 11.72 -1.65
C ASN B 43 -8.76 12.01 -0.30
N ALA B 44 -8.06 11.00 0.22
CA ALA B 44 -7.45 11.04 1.55
C ALA B 44 -5.94 10.84 1.44
N THR B 45 -5.37 11.42 0.40
CA THR B 45 -3.94 11.47 0.18
C THR B 45 -3.44 12.82 0.69
N PHE B 46 -2.38 12.81 1.52
CA PHE B 46 -1.94 14.01 2.22
C PHE B 46 -0.46 14.29 1.97
N ASP B 47 -0.16 15.56 1.71
CA ASP B 47 1.21 16.05 1.64
C ASP B 47 1.69 16.27 3.08
N CYS B 48 2.18 15.20 3.69
CA CYS B 48 2.55 15.19 5.10
C CYS B 48 3.61 14.12 5.27
N LYS B 49 4.83 14.50 5.64
CA LYS B 49 5.97 13.58 5.51
C LYS B 49 5.91 12.43 6.49
N VAL B 50 5.17 12.56 7.61
CA VAL B 50 5.13 11.51 8.62
C VAL B 50 4.05 10.48 8.37
N LEU B 51 3.26 10.62 7.30
CA LEU B 51 2.31 9.60 6.88
C LEU B 51 3.00 8.55 6.01
N SER B 52 2.60 7.32 6.18
CA SER B 52 3.09 6.25 5.32
C SER B 52 2.40 6.28 3.95
N ARG B 53 3.11 5.76 2.95
CA ARG B 53 2.50 5.63 1.62
C ARG B 53 1.18 4.90 1.72
N ASN B 54 1.19 3.74 2.39
CA ASN B 54 -0.01 2.90 2.61
C ASN B 54 -0.30 2.93 4.10
N HIS B 55 -0.92 4.01 4.54
CA HIS B 55 -1.04 4.27 5.97
C HIS B 55 -2.26 3.60 6.60
N ALA B 56 -3.43 3.77 5.99
CA ALA B 56 -4.65 3.24 6.58
C ALA B 56 -5.67 3.04 5.48
N LEU B 57 -6.79 2.41 5.85
CA LEU B 57 -7.96 2.26 5.00
C LEU B 57 -9.17 2.72 5.78
N VAL B 58 -10.10 3.40 5.09
CA VAL B 58 -11.36 3.83 5.70
C VAL B 58 -12.49 3.39 4.78
N TRP B 59 -13.57 2.87 5.34
CA TRP B 59 -14.65 2.36 4.50
C TRP B 59 -15.93 2.29 5.30
N PHE B 60 -17.02 2.03 4.58
CA PHE B 60 -18.34 1.79 5.17
C PHE B 60 -18.75 0.36 4.89
N ASP B 61 -19.18 -0.34 5.94
CA ASP B 61 -19.59 -1.74 5.86
C ASP B 61 -21.11 -1.77 5.74
N HIS B 62 -21.62 -2.20 4.59
CA HIS B 62 -23.07 -2.15 4.41
C HIS B 62 -23.80 -3.16 5.29
N LYS B 63 -23.15 -4.27 5.66
CA LYS B 63 -23.80 -5.28 6.48
C LYS B 63 -23.98 -4.80 7.93
N THR B 64 -22.95 -4.19 8.52
CA THR B 64 -23.06 -3.73 9.89
C THR B 64 -23.59 -2.32 10.00
N GLY B 65 -23.56 -1.56 8.92
CA GLY B 65 -24.00 -0.19 8.96
C GLY B 65 -23.02 0.74 9.62
N LYS B 66 -21.78 0.33 9.75
CA LYS B 66 -20.76 1.08 10.47
C LYS B 66 -19.60 1.49 9.58
N PHE B 67 -18.93 2.57 9.99
CA PHE B 67 -17.71 3.03 9.36
C PHE B 67 -16.50 2.50 10.11
N TYR B 68 -15.44 2.15 9.39
CA TYR B 68 -14.25 1.59 9.99
C TYR B 68 -12.99 2.25 9.48
N LEU B 69 -12.01 2.28 10.37
CA LEU B 69 -10.66 2.70 10.05
C LEU B 69 -9.72 1.55 10.40
N GLN B 70 -8.75 1.27 9.52
CA GLN B 70 -7.79 0.20 9.76
C GLN B 70 -6.39 0.71 9.45
N ASP B 71 -5.47 0.52 10.42
CA ASP B 71 -4.08 0.85 10.18
C ASP B 71 -3.39 -0.28 9.41
N THR B 72 -2.79 0.05 8.28
CA THR B 72 -2.16 -0.96 7.44
C THR B 72 -0.64 -0.92 7.57
N LYS B 73 -0.18 -1.21 8.79
CA LYS B 73 1.25 -1.34 9.09
C LYS B 73 1.97 0.00 8.93
N SER B 74 1.33 1.09 9.34
CA SER B 74 1.95 2.40 9.25
C SER B 74 3.19 2.46 10.14
N SER B 75 4.14 3.31 9.75
CA SER B 75 5.36 3.46 10.52
C SER B 75 5.09 4.20 11.83
N ASN B 76 4.26 5.23 11.78
CA ASN B 76 4.13 6.17 12.88
C ASN B 76 2.80 6.13 13.61
N GLY B 77 1.82 5.37 13.15
CA GLY B 77 0.64 5.12 13.95
C GLY B 77 -0.60 5.84 13.44
N THR B 78 -1.76 5.34 13.87
CA THR B 78 -3.07 5.90 13.57
C THR B 78 -3.85 5.93 14.87
N PHE B 79 -4.64 6.99 15.10
CA PHE B 79 -5.29 7.17 16.39
C PHE B 79 -6.73 7.58 16.20
N ILE B 80 -7.62 7.03 17.04
CA ILE B 80 -9.01 7.44 17.12
C ILE B 80 -9.20 7.99 18.53
N ASN B 81 -9.48 9.28 18.66
CA ASN B 81 -9.64 9.94 19.96
C ASN B 81 -8.47 9.60 20.89
N SER B 82 -7.26 9.72 20.33
CA SER B 82 -5.97 9.61 20.98
C SER B 82 -5.57 8.18 21.30
N GLN B 83 -6.35 7.17 20.91
CA GLN B 83 -6.04 5.77 21.17
C GLN B 83 -5.46 5.13 19.91
N ARG B 84 -4.27 4.53 20.04
CA ARG B 84 -3.54 4.01 18.90
C ARG B 84 -4.18 2.71 18.44
N LEU B 85 -4.27 2.52 17.12
CA LEU B 85 -4.92 1.32 16.57
C LEU B 85 -4.00 0.11 16.56
N SER B 86 -2.73 0.31 16.19
CA SER B 86 -1.80 -0.81 16.13
C SER B 86 -0.39 -0.33 16.38
N ARG B 87 0.47 -1.27 16.76
CA ARG B 87 1.88 -1.01 16.95
C ARG B 87 2.54 -0.69 15.61
N GLY B 88 3.70 -0.04 15.67
CA GLY B 88 4.45 0.24 14.45
C GLY B 88 4.59 -0.97 13.55
N SER B 89 4.27 -0.80 12.27
CA SER B 89 4.42 -1.83 11.24
C SER B 89 3.55 -3.06 11.52
N GLU B 90 2.49 -2.88 12.29
CA GLU B 90 1.50 -3.92 12.52
C GLU B 90 0.15 -3.46 12.02
N GLU B 91 -0.66 -4.42 11.61
CA GLU B 91 -2.00 -4.14 11.12
C GLU B 91 -2.98 -4.20 12.27
N SER B 92 -3.89 -3.22 12.32
CA SER B 92 -4.99 -3.22 13.27
C SER B 92 -6.17 -4.00 12.73
N PRO B 93 -7.07 -4.43 13.61
CA PRO B 93 -8.38 -4.86 13.15
C PRO B 93 -9.15 -3.65 12.63
N PRO B 94 -10.29 -3.87 11.98
CA PRO B 94 -11.18 -2.73 11.72
C PRO B 94 -11.63 -2.10 13.02
N CYS B 95 -11.54 -0.77 13.10
CA CYS B 95 -11.90 -0.03 14.30
C CYS B 95 -12.99 0.96 13.95
N GLU B 96 -14.13 0.86 14.64
CA GLU B 96 -15.27 1.70 14.30
C GLU B 96 -14.99 3.17 14.55
N ILE B 97 -15.44 4.02 13.63
CA ILE B 97 -15.38 5.46 13.78
C ILE B 97 -16.78 6.03 13.68
N LEU B 98 -17.01 7.10 14.43
CA LEU B 98 -18.29 7.78 14.47
C LEU B 98 -18.09 9.25 14.14
N SER B 99 -19.18 9.89 13.70
CA SER B 99 -19.08 11.29 13.35
C SER B 99 -18.67 12.09 14.58
N GLY B 100 -17.73 13.01 14.39
CA GLY B 100 -17.18 13.80 15.47
C GLY B 100 -15.89 13.25 16.05
N ASP B 101 -15.50 12.04 15.67
CA ASP B 101 -14.25 11.49 16.16
C ASP B 101 -13.07 12.34 15.68
N ILE B 102 -12.03 12.39 16.51
CA ILE B 102 -10.78 13.04 16.16
C ILE B 102 -9.79 11.98 15.71
N ILE B 103 -9.39 12.02 14.45
CA ILE B 103 -8.59 10.96 13.84
C ILE B 103 -7.22 11.53 13.56
N GLN B 104 -6.18 10.79 13.92
CA GLN B 104 -4.83 11.28 13.75
C GLN B 104 -4.04 10.26 12.94
N PHE B 105 -3.31 10.74 11.93
CA PHE B 105 -2.44 9.89 11.11
C PHE B 105 -1.01 10.35 11.35
N GLY B 106 -0.18 9.45 11.84
CA GLY B 106 1.19 9.81 12.20
C GLY B 106 1.28 10.41 13.57
N VAL B 107 2.51 10.77 13.91
CA VAL B 107 2.83 11.60 15.06
C VAL B 107 3.86 12.62 14.61
N ASP B 108 4.11 13.63 15.43
CA ASP B 108 5.12 14.62 15.10
C ASP B 108 6.49 13.95 15.13
N VAL B 109 7.34 14.29 14.16
CA VAL B 109 8.68 13.72 14.07
C VAL B 109 9.64 14.87 13.83
N THR B 110 10.74 14.88 14.58
CA THR B 110 11.76 15.90 14.40
C THR B 110 12.84 15.38 13.46
N GLU B 111 13.16 16.18 12.44
CA GLU B 111 14.27 15.91 11.54
C GLU B 111 15.48 16.60 12.17
N ASN B 112 16.40 15.80 12.68
CA ASN B 112 17.36 16.30 13.65
C ASN B 112 18.54 17.03 13.01
N THR B 113 18.77 16.86 11.70
CA THR B 113 19.87 17.58 11.06
C THR B 113 19.48 19.01 10.74
N ARG B 114 18.23 19.22 10.33
CA ARG B 114 17.71 20.55 10.04
C ARG B 114 16.95 21.14 11.21
N LYS B 115 16.72 20.38 12.27
CA LYS B 115 16.02 20.87 13.46
C LYS B 115 14.64 21.40 13.07
N VAL B 116 13.89 20.52 12.43
CA VAL B 116 12.54 20.82 11.98
C VAL B 116 11.66 19.73 12.55
N THR B 117 10.55 20.11 13.18
CA THR B 117 9.58 19.14 13.65
C THR B 117 8.43 19.11 12.65
N HIS B 118 8.22 17.95 12.03
CA HIS B 118 7.17 17.74 11.04
C HIS B 118 5.90 17.27 11.77
N GLY B 119 4.80 18.00 11.55
CA GLY B 119 3.57 17.69 12.22
C GLY B 119 2.77 16.59 11.53
N CYS B 120 1.86 16.00 12.28
CA CYS B 120 1.01 14.95 11.74
C CYS B 120 -0.33 15.52 11.29
N ILE B 121 -1.15 14.66 10.67
CA ILE B 121 -2.48 15.02 10.23
C ILE B 121 -3.45 14.76 11.38
N VAL B 122 -4.26 15.76 11.74
CA VAL B 122 -5.26 15.59 12.78
C VAL B 122 -6.56 16.14 12.22
N SER B 123 -7.58 15.30 12.18
CA SER B 123 -8.84 15.63 11.52
C SER B 123 -10.03 15.36 12.42
N THR B 124 -11.02 16.24 12.33
CA THR B 124 -12.34 15.94 12.84
C THR B 124 -13.13 15.34 11.69
N ILE B 125 -13.63 14.14 11.87
CA ILE B 125 -14.31 13.44 10.79
C ILE B 125 -15.81 13.57 11.01
N LYS B 126 -16.53 13.87 9.94
CA LYS B 126 -17.98 13.82 9.94
C LYS B 126 -18.41 12.71 8.99
N LEU B 127 -19.38 11.90 9.41
CA LEU B 127 -19.76 10.70 8.70
C LEU B 127 -21.26 10.69 8.43
N PHE B 128 -21.64 10.32 7.20
CA PHE B 128 -23.04 10.31 6.79
C PHE B 128 -23.38 8.97 6.18
N LEU B 129 -24.44 8.34 6.70
CA LEU B 129 -24.91 7.08 6.19
C LEU B 129 -25.48 7.26 4.79
N PRO B 130 -25.64 6.16 4.03
CA PRO B 130 -26.19 6.27 2.66
C PRO B 130 -27.50 7.04 2.58
N ASP B 131 -28.32 6.99 3.63
CA ASP B 131 -29.59 7.70 3.59
C ASP B 131 -29.46 9.16 4.01
N GLY B 132 -28.25 9.64 4.28
CA GLY B 132 -28.02 11.03 4.60
C GLY B 132 -27.88 11.33 6.09
N MET B 133 -28.36 10.46 6.97
CA MET B 133 -28.27 10.73 8.40
C MET B 133 -26.81 10.67 8.86
N GLU B 134 -26.45 11.60 9.75
CA GLU B 134 -25.13 11.56 10.35
C GLU B 134 -24.99 10.35 11.27
N ALA B 135 -23.83 9.70 11.20
CA ALA B 135 -23.60 8.50 11.98
C ALA B 135 -23.11 8.84 13.37
N ASP C 4 -3.74 -6.00 3.94
CA ASP C 4 -4.78 -6.69 4.72
C ASP C 4 -5.27 -7.86 3.92
N GLY C 5 -5.70 -8.92 4.61
CA GLY C 5 -6.40 -10.03 3.97
C GLY C 5 -5.50 -11.10 3.38
N TPO C 6 -4.20 -10.96 3.56
CA TPO C 6 -3.22 -11.89 2.99
CB TPO C 6 -1.83 -11.29 3.09
CG2 TPO C 6 -0.83 -12.18 2.34
OG1 TPO C 6 -1.86 -10.01 2.46
P TPO C 6 -1.55 -8.74 3.43
O1P TPO C 6 -2.46 -8.77 4.62
O2P TPO C 6 -0.01 -8.78 3.77
O3P TPO C 6 -1.87 -7.50 2.48
C TPO C 6 -3.27 -13.23 3.70
O TPO C 6 -3.44 -13.29 4.90
H TPO C 6 -3.84 -10.33 4.03
HA TPO C 6 -3.43 -12.02 2.05
HB TPO C 6 -1.54 -11.18 4.14
HG21 TPO C 6 0.16 -11.75 2.42
HG22 TPO C 6 -1.13 -12.25 1.30
HG23 TPO C 6 -0.83 -13.17 2.78
N MET C 7 -3.16 -14.33 2.95
CA MET C 7 -3.00 -15.64 3.54
C MET C 7 -1.55 -15.78 4.02
N LYS C 8 -1.33 -15.97 5.32
CA LYS C 8 0.00 -15.78 5.91
C LYS C 8 0.58 -17.08 6.41
N ARG C 9 1.86 -17.30 6.13
CA ARG C 9 2.53 -18.54 6.52
C ARG C 9 2.74 -18.60 8.03
N ASP D 4 7.23 3.32 1.81
CA ASP D 4 8.57 3.85 1.60
C ASP D 4 8.63 5.37 1.72
N GLY D 5 9.80 5.87 2.10
CA GLY D 5 10.05 7.30 2.18
C GLY D 5 9.44 8.08 3.33
N TPO D 6 8.85 7.38 4.28
CA TPO D 6 8.20 8.02 5.43
CB TPO D 6 7.32 7.01 6.14
CG2 TPO D 6 6.54 7.72 7.27
OG1 TPO D 6 6.40 6.50 5.16
P TPO D 6 6.56 4.89 4.94
O1P TPO D 6 6.16 4.12 6.28
O2P TPO D 6 7.97 4.63 4.61
O3P TPO D 6 5.53 4.52 3.79
C TPO D 6 9.25 8.60 6.39
O TPO D 6 10.23 7.95 6.68
H TPO D 6 8.80 6.52 4.31
HA TPO D 6 7.64 8.76 5.12
HB TPO D 6 7.92 6.20 6.54
HG21 TPO D 6 5.91 6.98 7.78
HG22 TPO D 6 5.92 8.51 6.85
HG23 TPO D 6 7.25 8.14 7.98
N MET D 7 8.99 9.80 6.89
CA MET D 7 9.76 10.39 7.98
C MET D 7 9.39 9.64 9.28
N LYS D 8 10.35 8.94 9.91
CA LYS D 8 10.04 8.05 11.03
C LYS D 8 10.84 8.46 12.25
N ARG D 9 10.46 7.93 13.40
CA ARG D 9 11.19 8.18 14.65
C ARG D 9 11.66 6.87 15.28
#